data_1WRU
#
_entry.id   1WRU
#
_cell.length_a   126.562
_cell.length_b   126.562
_cell.length_c   64.214
_cell.angle_alpha   90.00
_cell.angle_beta   90.00
_cell.angle_gamma   120.00
#
_symmetry.space_group_name_H-M   'H 3'
#
loop_
_entity.id
_entity.type
_entity.pdbx_description
1 polymer '43 kDa tail protein'
2 water water
#
_entity_poly.entity_id   1
_entity_poly.type   'polypeptide(L)'
_entity_poly.pdbx_seq_one_letter_code
;MSNTVTLRADGRLFTGWTSVSVTRSIESVAGYFELGVNVPPGTDLSGLAPGKKFTLEIGGQIVCTGYIDSRRRQMTADSM
KITVAGRDKTADLIDCAAVYSGGQWKNRTLEQIARDLCAPYGVTVRWELSDKESSAAFPGFTLDHSETVYEALVRASRAR
GVLMTSNAAGELVFSRAASTATDELVLGENLLTLDFEEDFRDRFSEYTVKGYARANGAEGDDIDAKSIVSRKGTATDSDV
TRYRPMIIIADSKITAKDAQARALREQRRRLAKSITFEAEIDGWTRKDGQLWMPNLLVTIDASKYAIKTTELLVSKVTLI
LNDQDGLKTRVSLAPREGFLVPVESDRKNRKGGDSNGGIDALVEDYYRRHPEKTPPWKE
;
_entity_poly.pdbx_strand_id   A
#
# COMPACT_ATOMS: atom_id res chain seq x y z
N ASN A 3 -13.82 2.24 17.41
CA ASN A 3 -13.75 2.67 18.84
C ASN A 3 -13.39 4.16 18.93
N THR A 4 -12.48 4.51 19.83
CA THR A 4 -12.06 5.89 20.02
C THR A 4 -10.72 6.22 19.35
N VAL A 5 -10.70 7.35 18.64
CA VAL A 5 -9.53 7.81 17.91
C VAL A 5 -8.62 8.72 18.72
N THR A 6 -7.39 8.27 18.93
CA THR A 6 -6.44 9.06 19.67
C THR A 6 -5.14 9.28 18.92
N LEU A 7 -4.67 10.51 18.94
CA LEU A 7 -3.42 10.88 18.30
C LEU A 7 -2.42 11.24 19.38
N ARG A 8 -1.34 10.48 19.47
CA ARG A 8 -0.30 10.75 20.46
C ARG A 8 0.82 11.55 19.80
N ALA A 9 0.89 12.83 20.11
CA ALA A 9 1.91 13.69 19.52
C ALA A 9 2.55 14.59 20.54
N ASP A 10 3.82 14.89 20.31
CA ASP A 10 4.56 15.76 21.21
C ASP A 10 4.38 15.24 22.63
N GLY A 11 4.33 13.91 22.76
CA GLY A 11 4.15 13.30 24.06
C GLY A 11 2.75 13.48 24.63
N ARG A 12 1.99 14.39 24.05
CA ARG A 12 0.63 14.64 24.50
C ARG A 12 -0.36 13.64 23.91
N LEU A 13 -1.62 13.80 24.26
CA LEU A 13 -2.68 12.93 23.77
C LEU A 13 -3.85 13.78 23.27
N PHE A 14 -4.28 13.56 22.03
CA PHE A 14 -5.38 14.32 21.44
C PHE A 14 -6.54 13.41 21.00
N THR A 15 -7.74 13.73 21.47
CA THR A 15 -8.91 12.94 21.15
C THR A 15 -10.13 13.85 20.97
N GLY A 16 -11.17 13.33 20.31
CA GLY A 16 -12.38 14.11 20.10
C GLY A 16 -12.54 14.56 18.67
N TRP A 17 -11.74 13.97 17.78
CA TRP A 17 -11.77 14.32 16.38
C TRP A 17 -13.13 14.08 15.79
N THR A 18 -13.60 15.05 15.02
CA THR A 18 -14.90 15.00 14.36
C THR A 18 -14.76 14.47 12.94
N SER A 19 -13.53 14.50 12.43
CA SER A 19 -13.22 14.00 11.10
C SER A 19 -12.01 13.11 11.18
N VAL A 20 -12.12 11.93 10.56
CA VAL A 20 -11.05 10.96 10.58
C VAL A 20 -11.03 10.20 9.28
N SER A 21 -9.82 10.01 8.76
CA SER A 21 -9.62 9.28 7.52
C SER A 21 -8.21 8.74 7.56
N VAL A 22 -8.10 7.42 7.57
CA VAL A 22 -6.81 6.75 7.63
C VAL A 22 -6.73 5.78 6.47
N THR A 23 -5.71 5.92 5.65
CA THR A 23 -5.56 5.06 4.49
C THR A 23 -4.27 4.28 4.47
N ARG A 24 -4.35 3.06 3.95
CA ARG A 24 -3.18 2.22 3.82
C ARG A 24 -3.42 1.35 2.60
N SER A 25 -2.43 1.24 1.71
CA SER A 25 -2.61 0.40 0.54
C SER A 25 -1.33 -0.32 0.15
N ILE A 26 -1.47 -1.41 -0.59
CA ILE A 26 -0.29 -2.14 -1.03
C ILE A 26 0.55 -1.21 -1.91
N GLU A 27 -0.08 -0.64 -2.93
CA GLU A 27 0.58 0.25 -3.87
C GLU A 27 1.60 1.20 -3.24
N SER A 28 1.52 1.40 -1.93
CA SER A 28 2.45 2.32 -1.26
C SER A 28 3.21 1.79 -0.06
N VAL A 29 4.33 2.44 0.22
CA VAL A 29 5.16 2.06 1.33
C VAL A 29 4.85 2.95 2.53
N ALA A 30 3.69 3.60 2.52
CA ALA A 30 3.35 4.46 3.66
C ALA A 30 1.87 4.74 3.80
N GLY A 31 1.35 4.45 4.98
CA GLY A 31 -0.06 4.73 5.23
C GLY A 31 -0.18 6.23 5.50
N TYR A 32 -1.36 6.77 5.30
CA TYR A 32 -1.63 8.18 5.48
C TYR A 32 -2.81 8.40 6.42
N PHE A 33 -2.84 9.52 7.14
CA PHE A 33 -3.95 9.80 8.02
C PHE A 33 -4.26 11.28 8.03
N GLU A 34 -5.46 11.61 8.43
CA GLU A 34 -5.88 12.98 8.47
C GLU A 34 -7.04 13.11 9.45
N LEU A 35 -6.90 14.02 10.42
CA LEU A 35 -7.93 14.22 11.41
C LEU A 35 -8.43 15.65 11.40
N GLY A 36 -9.71 15.83 11.70
CA GLY A 36 -10.28 17.16 11.73
C GLY A 36 -11.18 17.39 12.94
N VAL A 37 -11.32 18.67 13.31
CA VAL A 37 -12.16 19.05 14.44
C VAL A 37 -12.15 20.56 14.63
N ASN A 38 -13.27 21.10 15.12
CA ASN A 38 -13.38 22.53 15.40
C ASN A 38 -12.88 22.69 16.83
N VAL A 39 -12.07 23.72 17.06
CA VAL A 39 -11.53 23.97 18.39
C VAL A 39 -11.91 25.34 18.94
N PRO A 40 -12.25 25.41 20.23
CA PRO A 40 -12.62 26.68 20.85
C PRO A 40 -11.38 27.55 20.99
N PRO A 41 -11.53 28.86 20.80
CA PRO A 41 -10.40 29.79 20.91
C PRO A 41 -9.58 29.53 22.18
N GLY A 42 -8.26 29.63 22.05
CA GLY A 42 -7.40 29.41 23.19
C GLY A 42 -6.94 27.98 23.37
N THR A 43 -7.07 27.18 22.31
CA THR A 43 -6.66 25.78 22.37
C THR A 43 -5.22 25.63 21.88
N ASP A 44 -4.36 25.08 22.72
CA ASP A 44 -2.96 24.89 22.34
C ASP A 44 -2.80 23.74 21.35
N LEU A 45 -2.26 24.05 20.19
CA LEU A 45 -2.08 23.05 19.15
C LEU A 45 -0.60 22.88 18.84
N SER A 46 0.25 23.32 19.75
CA SER A 46 1.69 23.24 19.57
C SER A 46 2.18 21.82 19.33
N GLY A 47 1.44 20.85 19.84
CA GLY A 47 1.83 19.46 19.67
C GLY A 47 1.52 18.86 18.32
N LEU A 48 0.58 19.46 17.59
CA LEU A 48 0.17 18.98 16.27
C LEU A 48 0.98 19.64 15.15
N ALA A 49 2.14 20.18 15.49
CA ALA A 49 3.00 20.85 14.52
C ALA A 49 3.67 19.90 13.53
N PRO A 50 3.81 20.32 12.26
CA PRO A 50 4.46 19.47 11.25
C PRO A 50 5.82 19.05 11.80
N GLY A 51 6.26 17.84 11.48
CA GLY A 51 7.55 17.38 11.97
C GLY A 51 7.47 16.61 13.28
N LYS A 52 6.41 16.84 14.05
CA LYS A 52 6.19 16.16 15.32
C LYS A 52 5.98 14.66 15.13
N LYS A 53 6.64 13.88 15.98
CA LYS A 53 6.53 12.43 15.94
C LYS A 53 5.14 12.11 16.49
N PHE A 54 4.45 11.15 15.88
CA PHE A 54 3.11 10.79 16.34
C PHE A 54 2.86 9.30 16.35
N THR A 55 1.75 8.94 16.99
CA THR A 55 1.27 7.59 17.08
C THR A 55 -0.24 7.74 17.00
N LEU A 56 -0.84 7.04 16.05
CA LEU A 56 -2.28 7.10 15.87
C LEU A 56 -2.92 5.81 16.38
N GLU A 57 -3.69 5.93 17.46
CA GLU A 57 -4.34 4.77 18.06
C GLU A 57 -5.85 4.80 17.90
N ILE A 58 -6.43 3.61 17.82
CA ILE A 58 -7.88 3.44 17.70
C ILE A 58 -8.33 2.38 18.70
N GLY A 59 -9.15 2.80 19.66
CA GLY A 59 -9.62 1.87 20.67
C GLY A 59 -8.47 1.23 21.41
N GLY A 60 -7.26 1.65 21.07
CA GLY A 60 -6.07 1.11 21.71
C GLY A 60 -4.99 0.75 20.72
N GLN A 61 -5.24 -0.26 19.89
CA GLN A 61 -4.28 -0.71 18.91
C GLN A 61 -3.80 0.41 17.99
N ILE A 62 -2.48 0.52 17.86
CA ILE A 62 -1.87 1.53 17.00
C ILE A 62 -2.07 1.15 15.55
N VAL A 63 -2.40 2.15 14.73
CA VAL A 63 -2.67 1.91 13.31
C VAL A 63 -1.74 2.67 12.38
N CYS A 64 -0.89 3.53 12.95
CA CYS A 64 0.00 4.33 12.13
C CYS A 64 0.98 5.10 13.01
N THR A 65 2.26 5.07 12.65
CA THR A 65 3.25 5.82 13.39
C THR A 65 4.27 6.42 12.43
N GLY A 66 4.54 7.71 12.62
CA GLY A 66 5.47 8.41 11.75
C GLY A 66 5.60 9.85 12.20
N TYR A 67 5.62 10.77 11.25
CA TYR A 67 5.74 12.17 11.58
C TYR A 67 4.58 12.93 10.98
N ILE A 68 4.19 14.02 11.65
CA ILE A 68 3.11 14.85 11.17
C ILE A 68 3.63 15.57 9.91
N ASP A 69 2.85 15.54 8.83
CA ASP A 69 3.24 16.21 7.59
C ASP A 69 2.68 17.61 7.49
N SER A 70 1.45 17.78 7.97
CA SER A 70 0.83 19.08 7.84
C SER A 70 -0.19 19.49 8.89
N ARG A 71 -0.33 20.79 9.05
CA ARG A 71 -1.29 21.34 9.99
C ARG A 71 -2.00 22.49 9.28
N ARG A 72 -3.32 22.47 9.35
CA ARG A 72 -4.11 23.49 8.71
C ARG A 72 -5.10 24.09 9.70
N ARG A 73 -5.18 25.41 9.69
CA ARG A 73 -6.10 26.12 10.57
C ARG A 73 -6.94 27.05 9.72
N GLN A 74 -8.23 26.81 9.70
CA GLN A 74 -9.13 27.67 8.94
C GLN A 74 -9.97 28.42 9.96
N MET A 75 -9.86 29.75 9.98
CA MET A 75 -10.60 30.51 10.97
C MET A 75 -11.41 31.71 10.50
N THR A 76 -12.41 32.04 11.31
CA THR A 76 -13.27 33.19 11.09
C THR A 76 -13.23 33.89 12.43
N ALA A 77 -13.91 35.01 12.55
CA ALA A 77 -13.94 35.73 13.81
C ALA A 77 -14.51 34.82 14.88
N ASP A 78 -15.46 33.98 14.47
CA ASP A 78 -16.14 33.04 15.38
C ASP A 78 -15.42 31.75 15.76
N SER A 79 -15.06 30.93 14.76
CA SER A 79 -14.39 29.66 15.08
C SER A 79 -13.27 29.24 14.16
N MET A 80 -12.61 28.15 14.55
CA MET A 80 -11.50 27.60 13.79
C MET A 80 -11.58 26.10 13.62
N LYS A 81 -11.28 25.64 12.41
CA LYS A 81 -11.28 24.21 12.11
C LYS A 81 -9.84 23.79 11.91
N ILE A 82 -9.43 22.73 12.58
CA ILE A 82 -8.07 22.27 12.44
C ILE A 82 -8.01 20.92 11.74
N THR A 83 -7.04 20.78 10.85
CA THR A 83 -6.82 19.54 10.11
C THR A 83 -5.35 19.17 10.23
N VAL A 84 -5.07 17.98 10.74
CA VAL A 84 -3.70 17.52 10.90
C VAL A 84 -3.56 16.25 10.04
N ALA A 85 -2.44 16.11 9.31
CA ALA A 85 -2.20 14.94 8.46
C ALA A 85 -0.76 14.44 8.58
N GLY A 86 -0.59 13.12 8.53
CA GLY A 86 0.74 12.55 8.65
C GLY A 86 0.86 11.24 7.90
N ARG A 87 2.03 10.62 7.98
CA ARG A 87 2.29 9.35 7.31
C ARG A 87 3.24 8.49 8.12
N ASP A 88 3.27 7.19 7.80
CA ASP A 88 4.19 6.25 8.45
C ASP A 88 5.60 6.78 8.28
N LYS A 89 6.48 6.35 9.19
CA LYS A 89 7.89 6.72 9.17
C LYS A 89 8.46 6.42 7.80
N THR A 90 7.94 5.38 7.16
CA THR A 90 8.42 4.98 5.85
C THR A 90 8.23 6.05 4.78
N ALA A 91 7.48 7.11 5.10
CA ALA A 91 7.26 8.17 4.11
C ALA A 91 8.59 8.75 3.66
N ASP A 92 9.55 8.80 4.58
CA ASP A 92 10.85 9.35 4.21
C ASP A 92 11.56 8.59 3.10
N LEU A 93 11.30 7.29 3.04
CA LEU A 93 11.91 6.42 2.03
C LEU A 93 11.32 6.73 0.67
N ILE A 94 10.04 7.09 0.65
CA ILE A 94 9.39 7.44 -0.61
C ILE A 94 9.88 8.84 -1.06
N ASP A 95 10.03 9.73 -0.09
CA ASP A 95 10.46 11.11 -0.34
C ASP A 95 11.95 11.30 -0.64
N CYS A 96 12.81 10.77 0.21
CA CYS A 96 14.24 11.01 0.07
C CYS A 96 15.17 10.13 -0.72
N ALA A 97 16.31 10.71 -1.05
CA ALA A 97 17.35 10.05 -1.83
C ALA A 97 17.91 8.81 -1.15
N ALA A 98 18.32 7.85 -1.96
CA ALA A 98 18.91 6.66 -1.43
C ALA A 98 20.33 7.11 -1.17
N VAL A 99 20.85 6.81 0.02
CA VAL A 99 22.21 7.19 0.37
C VAL A 99 22.88 6.02 1.07
N TYR A 100 24.11 5.72 0.68
CA TYR A 100 24.84 4.62 1.30
C TYR A 100 26.32 4.95 1.31
N SER A 101 26.90 5.01 2.50
CA SER A 101 28.31 5.33 2.69
C SER A 101 29.20 4.83 1.57
N GLY A 102 28.92 3.63 1.09
CA GLY A 102 29.71 3.08 0.01
C GLY A 102 29.23 3.55 -1.35
N GLY A 103 28.22 2.87 -1.87
CA GLY A 103 27.67 3.21 -3.17
C GLY A 103 27.11 1.93 -3.74
N GLN A 104 27.55 0.81 -3.17
CA GLN A 104 27.09 -0.50 -3.61
C GLN A 104 27.29 -1.60 -2.56
N TRP A 105 26.75 -2.77 -2.87
CA TRP A 105 26.80 -3.93 -1.99
C TRP A 105 27.36 -5.12 -2.77
N LYS A 106 27.90 -6.10 -2.05
CA LYS A 106 28.43 -7.30 -2.68
C LYS A 106 27.92 -8.47 -1.86
N ASN A 107 27.32 -9.45 -2.52
CA ASN A 107 26.78 -10.62 -1.83
C ASN A 107 25.90 -10.24 -0.65
N ARG A 108 24.94 -9.35 -0.89
CA ARG A 108 24.03 -8.92 0.18
C ARG A 108 22.59 -9.22 -0.26
N THR A 109 21.76 -9.64 0.68
CA THR A 109 20.37 -9.95 0.36
C THR A 109 19.54 -8.67 0.23
N LEU A 110 18.28 -8.85 -0.15
CA LEU A 110 17.37 -7.74 -0.28
C LEU A 110 17.20 -7.14 1.10
N GLU A 111 16.86 -8.00 2.07
CA GLU A 111 16.67 -7.56 3.43
C GLU A 111 17.86 -6.74 3.91
N GLN A 112 19.05 -7.20 3.55
CA GLN A 112 20.28 -6.52 3.96
C GLN A 112 20.46 -5.20 3.26
N ILE A 113 20.19 -5.15 1.97
CA ILE A 113 20.34 -3.89 1.29
C ILE A 113 19.33 -2.88 1.88
N ALA A 114 18.11 -3.34 2.15
CA ALA A 114 17.07 -2.48 2.71
C ALA A 114 17.52 -1.91 4.06
N ARG A 115 18.06 -2.78 4.91
CA ARG A 115 18.58 -2.36 6.22
C ARG A 115 19.43 -1.12 6.07
N ASP A 116 20.48 -1.26 5.26
CA ASP A 116 21.40 -0.16 4.99
C ASP A 116 20.69 1.11 4.50
N LEU A 117 19.88 0.97 3.45
CA LEU A 117 19.19 2.15 2.93
C LEU A 117 18.28 2.78 3.96
N CYS A 118 17.62 1.94 4.76
CA CYS A 118 16.71 2.43 5.79
C CYS A 118 17.39 3.05 7.00
N ALA A 119 18.54 2.52 7.36
CA ALA A 119 19.28 3.00 8.53
C ALA A 119 19.25 4.52 8.81
N PRO A 120 19.79 5.34 7.90
CA PRO A 120 19.78 6.79 8.16
C PRO A 120 18.41 7.40 8.38
N TYR A 121 17.35 6.70 7.98
CA TYR A 121 16.01 7.22 8.17
C TYR A 121 15.38 6.66 9.44
N GLY A 122 16.15 5.83 10.15
CA GLY A 122 15.64 5.24 11.38
C GLY A 122 14.42 4.37 11.15
N VAL A 123 14.34 3.74 9.99
CA VAL A 123 13.23 2.86 9.68
C VAL A 123 13.68 1.41 9.80
N THR A 124 12.91 0.59 10.50
CA THR A 124 13.28 -0.80 10.65
C THR A 124 12.67 -1.69 9.58
N VAL A 125 13.49 -2.62 9.07
CA VAL A 125 13.04 -3.54 8.04
C VAL A 125 12.41 -4.81 8.63
N ARG A 126 11.31 -5.23 8.04
CA ARG A 126 10.54 -6.40 8.49
C ARG A 126 10.46 -7.45 7.37
N TRP A 127 11.26 -8.50 7.46
CA TRP A 127 11.26 -9.54 6.44
C TRP A 127 10.30 -10.66 6.83
N GLU A 128 9.19 -10.75 6.10
CA GLU A 128 8.16 -11.75 6.39
C GLU A 128 8.11 -12.81 5.30
N LEU A 129 9.28 -13.28 4.87
CA LEU A 129 9.35 -14.31 3.85
C LEU A 129 10.28 -15.42 4.36
N SER A 130 9.98 -16.66 3.98
CA SER A 130 10.80 -17.80 4.41
C SER A 130 11.05 -18.78 3.28
N ASP A 131 11.39 -18.25 2.12
CA ASP A 131 11.68 -19.08 0.96
C ASP A 131 13.08 -18.69 0.50
N LYS A 132 13.73 -19.63 -0.14
CA LYS A 132 15.11 -19.46 -0.59
C LYS A 132 15.31 -18.44 -1.70
N GLU A 133 14.38 -18.41 -2.64
CA GLU A 133 14.50 -17.49 -3.76
C GLU A 133 14.59 -16.02 -3.34
N SER A 134 13.59 -15.57 -2.57
CA SER A 134 13.55 -14.18 -2.13
C SER A 134 14.74 -13.75 -1.29
N SER A 135 15.30 -14.68 -0.52
CA SER A 135 16.45 -14.36 0.34
C SER A 135 17.81 -14.49 -0.34
N ALA A 136 17.82 -14.99 -1.57
CA ALA A 136 19.07 -15.14 -2.29
C ALA A 136 19.82 -13.82 -2.32
N ALA A 137 21.13 -13.87 -2.12
CA ALA A 137 21.95 -12.66 -2.11
C ALA A 137 22.22 -12.14 -3.51
N PHE A 138 22.47 -10.83 -3.61
CA PHE A 138 22.76 -10.20 -4.90
C PHE A 138 24.27 -10.17 -5.12
N PRO A 139 24.76 -10.83 -6.18
CA PRO A 139 26.21 -10.80 -6.38
C PRO A 139 26.67 -9.37 -6.13
N GLY A 140 25.95 -8.43 -6.73
CA GLY A 140 26.26 -7.02 -6.57
C GLY A 140 25.00 -6.17 -6.75
N PHE A 141 24.95 -5.03 -6.07
CA PHE A 141 23.81 -4.13 -6.18
C PHE A 141 24.37 -2.73 -6.08
N THR A 142 23.95 -1.86 -6.98
CA THR A 142 24.45 -0.50 -7.01
C THR A 142 23.33 0.53 -7.08
N LEU A 143 23.51 1.64 -6.37
CA LEU A 143 22.53 2.71 -6.37
C LEU A 143 22.59 3.41 -7.71
N ASP A 144 21.49 4.09 -8.06
CA ASP A 144 21.42 4.81 -9.30
C ASP A 144 21.19 6.30 -9.03
N HIS A 145 22.23 7.08 -9.28
CA HIS A 145 22.22 8.53 -9.09
C HIS A 145 20.92 9.15 -8.58
N SER A 146 20.97 9.67 -7.36
CA SER A 146 19.83 10.34 -6.73
C SER A 146 18.46 9.65 -6.60
N GLU A 147 18.32 8.40 -7.01
CA GLU A 147 17.02 7.73 -6.88
C GLU A 147 16.65 7.71 -5.41
N THR A 148 15.35 7.57 -5.12
CA THR A 148 14.92 7.54 -3.72
C THR A 148 15.18 6.17 -3.15
N VAL A 149 15.04 6.05 -1.83
CA VAL A 149 15.25 4.74 -1.20
C VAL A 149 14.20 3.83 -1.81
N TYR A 150 12.95 4.32 -1.85
CA TYR A 150 11.85 3.53 -2.39
C TYR A 150 12.13 3.02 -3.81
N GLU A 151 12.65 3.88 -4.68
CA GLU A 151 12.93 3.47 -6.05
C GLU A 151 14.03 2.40 -6.12
N ALA A 152 15.09 2.56 -5.32
CA ALA A 152 16.17 1.58 -5.33
C ALA A 152 15.60 0.24 -4.88
N LEU A 153 14.81 0.27 -3.82
CA LEU A 153 14.25 -0.97 -3.29
C LEU A 153 13.18 -1.59 -4.17
N VAL A 154 12.53 -0.78 -5.02
CA VAL A 154 11.55 -1.38 -5.91
C VAL A 154 12.31 -2.28 -6.88
N ARG A 155 13.41 -1.77 -7.41
CA ARG A 155 14.25 -2.51 -8.34
C ARG A 155 14.79 -3.81 -7.74
N ALA A 156 15.27 -3.75 -6.50
CA ALA A 156 15.81 -4.95 -5.87
C ALA A 156 14.70 -5.92 -5.48
N SER A 157 13.58 -5.39 -4.97
CA SER A 157 12.46 -6.24 -4.56
C SER A 157 11.82 -6.90 -5.78
N ARG A 158 11.85 -6.18 -6.90
CA ARG A 158 11.29 -6.69 -8.13
C ARG A 158 12.23 -7.82 -8.57
N ALA A 159 13.51 -7.67 -8.27
CA ALA A 159 14.47 -8.70 -8.64
C ALA A 159 14.29 -9.95 -7.76
N ARG A 160 13.40 -9.88 -6.77
CA ARG A 160 13.16 -11.02 -5.92
C ARG A 160 11.69 -11.43 -5.85
N GLY A 161 10.88 -10.85 -6.74
CA GLY A 161 9.47 -11.17 -6.76
C GLY A 161 8.71 -11.00 -5.45
N VAL A 162 9.02 -9.96 -4.71
CA VAL A 162 8.35 -9.72 -3.44
C VAL A 162 7.72 -8.32 -3.37
N LEU A 163 6.68 -8.17 -2.56
CA LEU A 163 6.00 -6.91 -2.37
C LEU A 163 6.67 -6.16 -1.24
N MET A 164 6.54 -4.85 -1.28
CA MET A 164 7.10 -4.01 -0.24
C MET A 164 5.95 -3.15 0.27
N THR A 165 5.77 -3.13 1.58
CA THR A 165 4.71 -2.32 2.18
C THR A 165 5.15 -1.79 3.54
N SER A 166 4.24 -1.14 4.24
CA SER A 166 4.56 -0.62 5.57
C SER A 166 3.44 -1.08 6.51
N ASN A 167 3.66 -0.96 7.81
CA ASN A 167 2.66 -1.36 8.80
C ASN A 167 2.54 -0.30 9.90
N ALA A 168 1.66 -0.52 10.87
CA ALA A 168 1.54 0.42 11.98
C ALA A 168 2.95 0.28 12.54
N ALA A 169 3.38 1.14 13.45
CA ALA A 169 4.75 1.02 13.96
C ALA A 169 5.71 1.60 12.91
N GLY A 170 5.23 1.73 11.69
CA GLY A 170 6.02 2.32 10.61
C GLY A 170 7.25 1.62 10.07
N GLU A 171 7.19 0.30 9.99
CA GLU A 171 8.31 -0.47 9.49
C GLU A 171 8.13 -0.85 8.02
N LEU A 172 9.24 -1.04 7.33
CA LEU A 172 9.21 -1.45 5.94
C LEU A 172 9.09 -2.99 5.94
N VAL A 173 7.98 -3.47 5.40
CA VAL A 173 7.71 -4.92 5.38
C VAL A 173 7.87 -5.53 4.01
N PHE A 174 8.53 -6.69 3.94
CA PHE A 174 8.68 -7.41 2.68
C PHE A 174 7.84 -8.70 2.78
N SER A 175 7.02 -8.96 1.77
CA SER A 175 6.19 -10.16 1.80
C SER A 175 5.64 -10.43 0.41
N ARG A 176 4.59 -11.26 0.37
CA ARG A 176 3.94 -11.56 -0.90
C ARG A 176 2.45 -11.46 -0.65
N ALA A 177 1.65 -11.35 -1.70
CA ALA A 177 0.21 -11.25 -1.52
C ALA A 177 -0.31 -12.40 -0.65
N ALA A 178 -1.12 -12.07 0.36
CA ALA A 178 -1.70 -13.07 1.25
C ALA A 178 -2.22 -14.22 0.39
N SER A 179 -2.11 -15.45 0.88
CA SER A 179 -2.57 -16.61 0.11
C SER A 179 -3.72 -17.35 0.78
N THR A 180 -4.01 -17.01 2.03
CA THR A 180 -5.09 -17.65 2.76
C THR A 180 -6.23 -16.68 3.07
N ALA A 181 -7.43 -17.04 2.65
CA ALA A 181 -8.61 -16.20 2.88
C ALA A 181 -8.98 -16.22 4.37
N THR A 182 -9.22 -15.04 4.95
CA THR A 182 -9.56 -14.99 6.36
C THR A 182 -10.78 -14.12 6.70
N ASP A 183 -11.43 -13.57 5.68
CA ASP A 183 -12.61 -12.74 5.93
C ASP A 183 -13.64 -12.91 4.82
N GLU A 184 -14.90 -12.64 5.15
CA GLU A 184 -15.96 -12.75 4.17
C GLU A 184 -16.85 -11.53 4.24
N LEU A 185 -17.08 -10.92 3.09
CA LEU A 185 -17.92 -9.75 2.99
C LEU A 185 -19.25 -10.27 2.48
N VAL A 186 -20.30 -9.95 3.22
CA VAL A 186 -21.63 -10.40 2.85
C VAL A 186 -22.55 -9.21 2.68
N LEU A 187 -23.10 -9.07 1.49
CA LEU A 187 -23.99 -7.95 1.22
C LEU A 187 -25.19 -7.95 2.15
N GLY A 188 -25.48 -6.80 2.75
CA GLY A 188 -26.60 -6.68 3.65
C GLY A 188 -26.20 -6.79 5.10
N GLU A 189 -25.07 -7.43 5.35
CA GLU A 189 -24.56 -7.61 6.70
C GLU A 189 -23.41 -6.67 7.02
N ASN A 190 -22.18 -7.17 6.91
CA ASN A 190 -21.04 -6.33 7.18
C ASN A 190 -20.74 -5.47 5.92
N LEU A 191 -21.25 -5.91 4.78
CA LEU A 191 -21.04 -5.18 3.53
C LEU A 191 -22.27 -4.33 3.22
N LEU A 192 -22.16 -3.03 3.45
CA LEU A 192 -23.25 -2.11 3.19
C LEU A 192 -23.48 -1.81 1.71
N THR A 193 -22.40 -1.54 0.98
CA THR A 193 -22.49 -1.25 -0.45
C THR A 193 -21.30 -1.86 -1.16
N LEU A 194 -21.54 -2.30 -2.39
CA LEU A 194 -20.51 -2.89 -3.20
C LEU A 194 -20.57 -2.29 -4.61
N ASP A 195 -19.42 -1.89 -5.12
CA ASP A 195 -19.28 -1.29 -6.45
C ASP A 195 -18.30 -2.18 -7.16
N PHE A 196 -18.83 -3.03 -8.04
CA PHE A 196 -18.04 -3.98 -8.81
C PHE A 196 -17.87 -3.46 -10.24
N GLU A 197 -16.61 -3.27 -10.62
CA GLU A 197 -16.26 -2.74 -11.93
C GLU A 197 -15.37 -3.69 -12.74
N GLU A 198 -15.83 -4.05 -13.93
CA GLU A 198 -15.07 -4.92 -14.83
C GLU A 198 -14.75 -4.06 -16.05
N ASP A 199 -13.52 -3.61 -16.14
CA ASP A 199 -13.13 -2.74 -17.24
C ASP A 199 -12.01 -3.31 -18.08
N PHE A 200 -12.30 -3.59 -19.35
CA PHE A 200 -11.31 -4.15 -20.26
C PHE A 200 -10.69 -3.16 -21.25
N ARG A 201 -10.89 -1.88 -21.03
CA ARG A 201 -10.34 -0.92 -21.98
C ARG A 201 -8.82 -1.02 -22.09
N ASP A 202 -8.14 -1.31 -20.98
CA ASP A 202 -6.68 -1.40 -20.99
C ASP A 202 -6.13 -2.81 -20.86
N ARG A 203 -6.94 -3.81 -21.21
CA ARG A 203 -6.54 -5.21 -21.15
C ARG A 203 -6.19 -5.63 -22.56
N PHE A 204 -5.13 -6.42 -22.70
CA PHE A 204 -4.73 -6.88 -24.02
C PHE A 204 -4.61 -8.39 -24.09
N SER A 205 -4.83 -8.95 -25.27
CA SER A 205 -4.76 -10.40 -25.43
C SER A 205 -3.32 -10.90 -25.28
N GLU A 206 -2.36 -10.08 -25.71
CA GLU A 206 -0.96 -10.47 -25.61
C GLU A 206 -0.05 -9.26 -25.45
N TYR A 207 0.92 -9.39 -24.57
CA TYR A 207 1.87 -8.31 -24.34
C TYR A 207 3.25 -8.78 -24.79
N THR A 208 3.89 -8.03 -25.67
CA THR A 208 5.20 -8.43 -26.13
C THR A 208 6.23 -7.35 -25.93
N VAL A 209 7.30 -7.69 -25.22
CA VAL A 209 8.36 -6.73 -24.95
C VAL A 209 9.50 -6.92 -25.93
N LYS A 210 9.71 -5.89 -26.76
CA LYS A 210 10.74 -5.86 -27.79
C LYS A 210 10.76 -7.15 -28.59
N SER A 230 16.98 -8.82 -32.19
CA SER A 230 15.82 -8.29 -31.50
C SER A 230 15.30 -9.29 -30.47
N ARG A 231 15.72 -9.14 -29.22
CA ARG A 231 15.28 -10.02 -28.15
C ARG A 231 13.77 -9.85 -27.95
N LYS A 232 13.13 -10.84 -27.33
CA LYS A 232 11.70 -10.77 -27.10
C LYS A 232 11.19 -11.78 -26.06
N GLY A 233 9.96 -11.55 -25.61
CA GLY A 233 9.31 -12.40 -24.62
C GLY A 233 7.86 -11.94 -24.56
N THR A 234 6.94 -12.83 -24.23
CA THR A 234 5.54 -12.42 -24.17
C THR A 234 4.72 -13.04 -23.05
N ALA A 235 3.56 -12.45 -22.82
CA ALA A 235 2.61 -12.90 -21.81
C ALA A 235 1.25 -12.69 -22.46
N THR A 236 0.36 -13.66 -22.30
CA THR A 236 -0.96 -13.56 -22.87
C THR A 236 -1.99 -13.40 -21.77
N ASP A 237 -3.22 -13.08 -22.15
CA ASP A 237 -4.28 -12.88 -21.18
C ASP A 237 -5.54 -13.53 -21.73
N SER A 238 -5.79 -14.77 -21.31
CA SER A 238 -6.91 -15.57 -21.77
C SER A 238 -8.29 -14.93 -21.66
N ASP A 239 -8.45 -14.02 -20.71
CA ASP A 239 -9.73 -13.34 -20.50
C ASP A 239 -10.08 -12.42 -21.66
N VAL A 240 -9.09 -12.02 -22.44
CA VAL A 240 -9.35 -11.15 -23.59
C VAL A 240 -9.60 -12.00 -24.83
N THR A 241 -10.88 -12.17 -25.16
CA THR A 241 -11.38 -12.96 -26.27
C THR A 241 -10.93 -12.61 -27.69
N ARG A 242 -10.67 -11.35 -27.98
CA ARG A 242 -10.26 -10.95 -29.32
C ARG A 242 -8.78 -10.62 -29.41
N TYR A 243 -8.29 -10.51 -30.65
CA TYR A 243 -6.89 -10.18 -30.90
C TYR A 243 -6.61 -8.72 -30.54
N ARG A 244 -5.85 -8.52 -29.46
CA ARG A 244 -5.50 -7.18 -28.99
C ARG A 244 -4.06 -7.20 -28.47
N PRO A 245 -3.10 -6.93 -29.36
CA PRO A 245 -1.70 -6.93 -28.95
C PRO A 245 -1.18 -5.57 -28.49
N MET A 246 -0.20 -5.63 -27.60
CA MET A 246 0.46 -4.43 -27.07
C MET A 246 1.96 -4.73 -27.10
N ILE A 247 2.72 -3.86 -27.76
CA ILE A 247 4.15 -4.08 -27.83
C ILE A 247 4.86 -3.09 -26.94
N ILE A 248 5.81 -3.61 -26.17
CA ILE A 248 6.61 -2.81 -25.24
C ILE A 248 8.08 -2.82 -25.70
N ILE A 249 8.59 -1.65 -26.09
CA ILE A 249 9.98 -1.56 -26.56
C ILE A 249 10.97 -1.60 -25.39
N ALA A 250 11.87 -2.59 -25.42
CA ALA A 250 12.86 -2.74 -24.37
C ALA A 250 14.30 -2.72 -24.87
N ASP A 251 15.23 -2.68 -23.92
CA ASP A 251 16.65 -2.66 -24.23
C ASP A 251 17.05 -3.87 -25.06
N SER A 252 17.99 -3.68 -25.96
CA SER A 252 18.46 -4.75 -26.84
C SER A 252 19.02 -5.92 -26.03
N LYS A 253 19.82 -5.60 -25.02
CA LYS A 253 20.43 -6.63 -24.17
C LYS A 253 19.51 -7.04 -23.02
N ILE A 254 18.38 -7.67 -23.35
CA ILE A 254 17.48 -8.12 -22.30
C ILE A 254 17.19 -9.61 -22.41
N THR A 255 17.39 -10.31 -21.31
CA THR A 255 17.18 -11.75 -21.27
C THR A 255 15.80 -12.17 -21.75
N ALA A 256 15.71 -13.38 -22.29
CA ALA A 256 14.44 -13.90 -22.74
C ALA A 256 13.63 -14.00 -21.46
N LYS A 257 14.33 -13.95 -20.34
CA LYS A 257 13.71 -14.01 -19.02
C LYS A 257 13.15 -12.66 -18.59
N ASP A 258 13.99 -11.63 -18.61
CA ASP A 258 13.54 -10.31 -18.21
C ASP A 258 12.48 -9.79 -19.17
N ALA A 259 12.38 -10.41 -20.34
CA ALA A 259 11.38 -10.02 -21.33
C ALA A 259 10.06 -10.64 -20.90
N GLN A 260 10.05 -11.94 -20.69
CA GLN A 260 8.84 -12.63 -20.27
C GLN A 260 8.33 -12.05 -18.96
N ALA A 261 9.24 -11.67 -18.07
CA ALA A 261 8.88 -11.11 -16.78
C ALA A 261 8.19 -9.74 -16.89
N ARG A 262 8.79 -8.85 -17.67
CA ARG A 262 8.23 -7.51 -17.89
C ARG A 262 6.84 -7.64 -18.53
N ALA A 263 6.76 -8.49 -19.55
CA ALA A 263 5.50 -8.72 -20.25
C ALA A 263 4.45 -9.14 -19.22
N LEU A 264 4.81 -10.08 -18.37
CA LEU A 264 3.89 -10.58 -17.36
C LEU A 264 3.52 -9.50 -16.34
N ARG A 265 4.48 -8.67 -15.96
CA ARG A 265 4.20 -7.62 -14.98
C ARG A 265 3.05 -6.78 -15.55
N GLU A 266 3.17 -6.43 -16.83
CA GLU A 266 2.22 -5.61 -17.55
C GLU A 266 0.83 -6.21 -17.54
N GLN A 267 0.75 -7.51 -17.79
CA GLN A 267 -0.51 -8.21 -17.81
C GLN A 267 -1.19 -8.14 -16.45
N ARG A 268 -0.41 -8.36 -15.39
CA ARG A 268 -0.95 -8.34 -14.05
C ARG A 268 -1.37 -6.95 -13.57
N ARG A 269 -0.60 -5.93 -13.95
CA ARG A 269 -0.92 -4.57 -13.55
C ARG A 269 -2.29 -4.19 -14.14
N ARG A 270 -2.55 -4.64 -15.37
CA ARG A 270 -3.82 -4.34 -16.05
C ARG A 270 -4.95 -5.12 -15.39
N LEU A 271 -4.64 -6.36 -15.01
CA LEU A 271 -5.65 -7.19 -14.37
C LEU A 271 -6.09 -6.47 -13.12
N ALA A 272 -5.12 -6.03 -12.35
CA ALA A 272 -5.39 -5.36 -11.09
C ALA A 272 -6.33 -4.18 -11.21
N LYS A 273 -6.13 -3.38 -12.26
CA LYS A 273 -6.94 -2.20 -12.48
C LYS A 273 -8.20 -2.48 -13.28
N SER A 274 -8.28 -3.66 -13.88
CA SER A 274 -9.43 -4.02 -14.67
C SER A 274 -10.62 -4.59 -13.87
N ILE A 275 -10.35 -5.52 -12.98
CA ILE A 275 -11.40 -6.18 -12.19
C ILE A 275 -11.32 -5.63 -10.78
N THR A 276 -12.21 -4.70 -10.44
CA THR A 276 -12.16 -4.12 -9.10
C THR A 276 -13.46 -4.02 -8.34
N PHE A 277 -13.35 -4.10 -7.02
CA PHE A 277 -14.50 -3.98 -6.16
C PHE A 277 -14.19 -2.88 -5.16
N GLU A 278 -15.16 -1.99 -4.96
CA GLU A 278 -15.04 -0.92 -3.97
C GLU A 278 -16.16 -1.23 -3.01
N ALA A 279 -15.80 -1.57 -1.77
CA ALA A 279 -16.81 -1.94 -0.78
C ALA A 279 -16.90 -1.03 0.42
N GLU A 280 -18.14 -0.80 0.87
CA GLU A 280 -18.39 0.00 2.07
C GLU A 280 -18.77 -0.98 3.20
N ILE A 281 -17.86 -1.11 4.15
CA ILE A 281 -18.01 -1.99 5.32
C ILE A 281 -18.57 -1.18 6.49
N ASP A 282 -19.35 -1.83 7.35
CA ASP A 282 -19.88 -1.10 8.51
C ASP A 282 -18.81 -1.21 9.60
N GLY A 283 -18.49 -0.10 10.26
CA GLY A 283 -17.46 -0.16 11.30
C GLY A 283 -16.04 -0.21 10.77
N TRP A 284 -15.06 -0.40 11.66
CA TRP A 284 -13.65 -0.45 11.29
C TRP A 284 -12.97 -1.79 11.50
N THR A 285 -13.62 -2.69 12.23
CA THR A 285 -13.00 -3.98 12.51
C THR A 285 -13.56 -5.16 11.74
N ARG A 286 -12.71 -6.16 11.56
CA ARG A 286 -13.05 -7.41 10.87
C ARG A 286 -13.83 -8.25 11.91
N LYS A 287 -14.19 -9.48 11.55
CA LYS A 287 -14.95 -10.32 12.47
C LYS A 287 -14.12 -10.67 13.70
N ASP A 288 -12.84 -10.97 13.49
CA ASP A 288 -11.96 -11.33 14.59
C ASP A 288 -11.55 -10.15 15.47
N GLY A 289 -12.18 -9.00 15.25
CA GLY A 289 -11.87 -7.81 16.05
C GLY A 289 -10.76 -6.90 15.56
N GLN A 290 -9.88 -7.42 14.70
CA GLN A 290 -8.78 -6.61 14.18
C GLN A 290 -9.27 -5.53 13.21
N LEU A 291 -8.52 -4.44 13.10
CA LEU A 291 -8.90 -3.37 12.18
C LEU A 291 -8.62 -3.85 10.76
N TRP A 292 -9.43 -3.40 9.81
CA TRP A 292 -9.25 -3.75 8.40
C TRP A 292 -7.89 -3.23 7.96
N MET A 293 -7.21 -3.98 7.11
CA MET A 293 -5.88 -3.63 6.58
C MET A 293 -5.74 -4.21 5.17
N PRO A 294 -4.83 -3.67 4.35
CA PRO A 294 -4.65 -4.19 3.00
C PRO A 294 -3.84 -5.48 3.05
N ASN A 295 -3.78 -6.19 1.93
CA ASN A 295 -3.08 -7.48 1.84
C ASN A 295 -3.79 -8.54 2.69
N LEU A 296 -5.09 -8.64 2.51
CA LEU A 296 -5.91 -9.63 3.19
C LEU A 296 -6.65 -10.28 2.07
N LEU A 297 -6.66 -11.60 2.06
CA LEU A 297 -7.38 -12.29 1.01
C LEU A 297 -8.78 -12.50 1.57
N VAL A 298 -9.80 -12.16 0.79
CA VAL A 298 -11.16 -12.29 1.29
C VAL A 298 -12.10 -12.78 0.19
N THR A 299 -13.36 -13.01 0.56
CA THR A 299 -14.33 -13.43 -0.43
C THR A 299 -15.50 -12.53 -0.25
N ILE A 300 -16.26 -12.37 -1.32
CA ILE A 300 -17.40 -11.50 -1.32
C ILE A 300 -18.60 -12.31 -1.71
N ASP A 301 -19.72 -12.04 -1.05
CA ASP A 301 -20.96 -12.74 -1.36
C ASP A 301 -22.13 -11.75 -1.55
N ALA A 302 -22.50 -11.57 -2.80
CA ALA A 302 -23.59 -10.69 -3.20
C ALA A 302 -24.53 -11.53 -4.03
N SER A 303 -24.77 -12.75 -3.56
CA SER A 303 -25.66 -13.72 -4.21
C SER A 303 -26.97 -13.11 -4.67
N LYS A 304 -27.51 -12.22 -3.85
CA LYS A 304 -28.76 -11.54 -4.17
C LYS A 304 -28.71 -10.95 -5.58
N TYR A 305 -27.50 -10.68 -6.06
CA TYR A 305 -27.28 -10.13 -7.38
C TYR A 305 -26.37 -11.01 -8.19
N ALA A 306 -26.45 -12.31 -7.91
CA ALA A 306 -25.67 -13.34 -8.60
C ALA A 306 -24.16 -13.16 -8.47
N ILE A 307 -23.72 -12.41 -7.47
CA ILE A 307 -22.29 -12.20 -7.30
C ILE A 307 -21.69 -12.92 -6.10
N LYS A 308 -20.86 -13.92 -6.37
CA LYS A 308 -20.16 -14.66 -5.33
C LYS A 308 -18.76 -14.82 -5.88
N THR A 309 -17.81 -14.19 -5.22
CA THR A 309 -16.46 -14.20 -5.72
C THR A 309 -15.50 -15.16 -5.06
N THR A 310 -14.38 -15.33 -5.75
CA THR A 310 -13.33 -16.21 -5.29
C THR A 310 -12.41 -15.43 -4.35
N GLU A 311 -11.11 -15.56 -4.53
CA GLU A 311 -10.17 -14.88 -3.65
C GLU A 311 -9.73 -13.50 -4.14
N LEU A 312 -10.22 -12.48 -3.44
CA LEU A 312 -9.87 -11.12 -3.81
C LEU A 312 -8.91 -10.56 -2.77
N LEU A 313 -7.89 -9.87 -3.25
CA LEU A 313 -6.93 -9.30 -2.34
C LEU A 313 -7.34 -7.87 -2.03
N VAL A 314 -7.23 -7.46 -0.77
CA VAL A 314 -7.55 -6.10 -0.39
C VAL A 314 -6.32 -5.25 -0.74
N SER A 315 -6.47 -4.36 -1.71
CA SER A 315 -5.33 -3.54 -2.11
C SER A 315 -5.26 -2.26 -1.30
N LYS A 316 -6.38 -1.86 -0.72
CA LYS A 316 -6.46 -0.62 0.03
C LYS A 316 -7.61 -0.56 1.02
N VAL A 317 -7.39 0.18 2.09
CA VAL A 317 -8.38 0.34 3.14
C VAL A 317 -8.37 1.78 3.61
N THR A 318 -9.56 2.36 3.73
CA THR A 318 -9.66 3.70 4.24
C THR A 318 -10.67 3.71 5.38
N LEU A 319 -10.18 3.95 6.59
CA LEU A 319 -11.03 4.00 7.76
C LEU A 319 -11.50 5.44 7.94
N ILE A 320 -12.81 5.65 7.84
CA ILE A 320 -13.37 6.98 7.98
C ILE A 320 -14.39 7.16 9.10
N LEU A 321 -14.45 8.40 9.58
CA LEU A 321 -15.40 8.83 10.60
C LEU A 321 -15.85 10.23 10.23
N ASN A 322 -17.14 10.40 9.91
CA ASN A 322 -17.72 11.70 9.55
C ASN A 322 -19.09 11.84 10.18
N ASP A 323 -19.68 13.02 10.03
CA ASP A 323 -21.02 13.27 10.56
C ASP A 323 -22.03 12.76 9.56
N GLN A 324 -21.72 12.89 8.27
CA GLN A 324 -22.62 12.45 7.21
C GLN A 324 -22.14 11.16 6.54
N ASP A 325 -21.30 10.41 7.24
CA ASP A 325 -20.78 9.16 6.70
C ASP A 325 -20.86 8.07 7.76
N GLY A 326 -20.71 8.49 9.01
CA GLY A 326 -20.73 7.56 10.12
C GLY A 326 -19.41 6.82 10.22
N LEU A 327 -19.37 5.76 11.00
CA LEU A 327 -18.15 4.98 11.15
C LEU A 327 -18.12 3.87 10.08
N LYS A 328 -17.38 4.11 9.00
CA LYS A 328 -17.30 3.15 7.91
C LYS A 328 -15.87 2.87 7.46
N THR A 329 -15.71 1.80 6.68
CA THR A 329 -14.41 1.46 6.11
C THR A 329 -14.60 1.24 4.61
N ARG A 330 -13.70 1.80 3.82
CA ARG A 330 -13.74 1.64 2.39
C ARG A 330 -12.71 0.60 2.10
N VAL A 331 -13.11 -0.44 1.40
CA VAL A 331 -12.19 -1.51 1.08
C VAL A 331 -12.14 -1.69 -0.43
N SER A 332 -10.94 -1.64 -1.00
CA SER A 332 -10.78 -1.82 -2.44
C SER A 332 -10.18 -3.19 -2.62
N LEU A 333 -10.73 -3.95 -3.56
CA LEU A 333 -10.24 -5.31 -3.83
C LEU A 333 -10.04 -5.59 -5.29
N ALA A 334 -9.09 -6.46 -5.56
CA ALA A 334 -8.77 -6.88 -6.92
C ALA A 334 -8.19 -8.28 -6.86
N PRO A 335 -8.27 -9.02 -7.98
CA PRO A 335 -7.75 -10.38 -8.04
C PRO A 335 -6.34 -10.48 -7.50
N ARG A 336 -6.13 -11.43 -6.59
CA ARG A 336 -4.81 -11.67 -6.00
C ARG A 336 -3.69 -11.73 -7.02
N GLU A 337 -3.96 -12.40 -8.14
CA GLU A 337 -2.98 -12.56 -9.19
C GLU A 337 -2.42 -11.24 -9.72
N GLY A 338 -3.20 -10.18 -9.58
CA GLY A 338 -2.73 -8.90 -10.06
C GLY A 338 -1.59 -8.38 -9.21
N PHE A 339 -1.42 -8.93 -8.02
CA PHE A 339 -0.35 -8.42 -7.16
C PHE A 339 0.87 -9.32 -6.96
N LEU A 340 1.03 -10.32 -7.82
CA LEU A 340 2.20 -11.19 -7.72
C LEU A 340 3.29 -10.49 -8.51
N VAL A 341 4.47 -10.36 -7.90
CA VAL A 341 5.59 -9.67 -8.52
C VAL A 341 6.54 -10.57 -9.32
N PRO A 342 6.43 -10.55 -10.66
CA PRO A 342 7.30 -11.37 -11.51
C PRO A 342 8.77 -10.99 -11.25
N VAL A 343 9.70 -11.93 -11.42
CA VAL A 343 11.12 -11.62 -11.18
C VAL A 343 11.78 -10.96 -12.38
N GLU A 344 12.31 -9.75 -12.17
CA GLU A 344 13.00 -9.02 -13.23
C GLU A 344 14.36 -8.61 -12.72
N SER A 345 15.41 -8.96 -13.47
CA SER A 345 16.78 -8.66 -13.08
C SER A 345 17.10 -7.18 -12.96
N ASP A 346 18.39 -6.91 -12.72
CA ASP A 346 18.95 -5.56 -12.59
C ASP A 346 18.77 -5.06 -11.16
#